data_4CL1
#
_entry.id   4CL1
#
_cell.length_a   100.230
_cell.length_b   101.760
_cell.length_c   149.790
_cell.angle_alpha   90.00
_cell.angle_beta   90.00
_cell.angle_gamma   90.00
#
_symmetry.space_group_name_H-M   'P 21 21 21'
#
loop_
_entity.id
_entity.type
_entity.pdbx_description
1 polymer 'NON-STRUCTURAL PROTEIN 5A'
2 non-polymer 'ZINC ION'
3 non-polymer 'SULFATE ION'
#
_entity_poly.entity_id   1
_entity_poly.type   'polypeptide(L)'
_entity_poly.pdbx_seq_one_letter_code
;GSGIPFVSCQRGYRGVWRGDGIMHTRCHCGAEITGHVKNGTMRIVGPRTCRNMWSGTFPINAYTTGPCTPLPAPNYKFAL
WRVSAEEYVEIRRVGDFHYVSGMTTDNLKCPCQIPSPEFFTELDGVRLHRFAPPCKPLLREEVSFRVGLHEYPVGSQLPC
EPEPDVAVLTSMDDDDK
;
_entity_poly.pdbx_strand_id   A,B,C,D
#
# COMPACT_ATOMS: atom_id res chain seq x y z
N PRO A 5 -8.07 -8.17 -9.89
CA PRO A 5 -8.88 -7.41 -8.93
C PRO A 5 -8.06 -6.65 -7.90
N PHE A 6 -8.42 -6.69 -6.62
CA PHE A 6 -7.79 -5.84 -5.59
C PHE A 6 -6.26 -6.05 -5.41
N VAL A 7 -5.82 -7.26 -5.71
CA VAL A 7 -4.80 -8.16 -5.19
C VAL A 7 -3.38 -7.86 -5.65
N SER A 8 -3.23 -7.25 -6.81
CA SER A 8 -1.90 -7.04 -7.36
C SER A 8 -1.47 -5.58 -7.23
N CYS A 9 -2.43 -4.71 -6.91
CA CYS A 9 -2.15 -3.29 -6.78
C CYS A 9 -1.33 -3.01 -5.52
N GLN A 10 -0.34 -2.13 -5.64
CA GLN A 10 0.50 -1.79 -4.54
C GLN A 10 -0.28 -1.00 -3.47
N ARG A 11 -0.09 -1.31 -2.20
CA ARG A 11 -0.75 -0.57 -1.15
C ARG A 11 -0.14 0.83 -1.23
N GLY A 12 -0.94 1.78 -1.70
CA GLY A 12 -0.47 3.14 -1.85
C GLY A 12 -0.46 3.95 -0.57
N TYR A 13 0.13 5.13 -0.66
CA TYR A 13 0.21 6.04 0.47
C TYR A 13 -0.88 7.07 0.35
N ARG A 14 -1.54 7.27 1.47
CA ARG A 14 -2.48 8.36 1.60
C ARG A 14 -2.14 9.12 2.87
N GLY A 15 -1.89 10.42 2.73
CA GLY A 15 -1.62 11.29 3.85
C GLY A 15 -1.06 12.59 3.33
N VAL A 16 -0.52 13.42 4.21
CA VAL A 16 0.04 14.72 3.83
C VAL A 16 1.27 14.62 2.94
N TRP A 17 1.39 15.55 2.02
CA TRP A 17 2.51 15.66 1.11
C TRP A 17 3.27 16.99 1.30
N ARG A 18 4.57 17.02 1.01
CA ARG A 18 5.34 18.26 1.09
C ARG A 18 5.51 18.87 -0.33
N GLY A 19 5.27 20.17 -0.45
CA GLY A 19 5.35 20.87 -1.72
C GLY A 19 4.14 20.68 -2.61
N ASP A 20 3.76 21.70 -3.41
CA ASP A 20 2.59 21.53 -4.28
C ASP A 20 3.05 21.10 -5.70
N GLY A 21 2.12 20.66 -6.56
CA GLY A 21 2.46 20.24 -7.93
C GLY A 21 1.70 18.99 -8.39
N ILE A 22 2.13 18.39 -9.52
CA ILE A 22 1.47 17.18 -10.06
C ILE A 22 2.37 15.93 -10.00
N MET A 23 1.89 14.88 -9.33
CA MET A 23 2.61 13.62 -9.18
C MET A 23 2.14 12.55 -10.14
N HIS A 24 3.07 11.72 -10.63
CA HIS A 24 2.76 10.64 -11.59
C HIS A 24 3.34 9.34 -11.12
N THR A 25 2.62 8.24 -11.35
CA THR A 25 3.15 6.96 -10.95
C THR A 25 2.38 5.88 -11.68
N ARG A 26 2.88 4.65 -11.58
CA ARG A 26 2.24 3.49 -12.22
C ARG A 26 2.10 2.37 -11.19
N CYS A 27 0.91 1.81 -11.10
CA CYS A 27 0.66 0.74 -10.16
C CYS A 27 1.08 -0.61 -10.76
N HIS A 28 1.47 -1.56 -9.92
CA HIS A 28 1.89 -2.88 -10.42
C HIS A 28 0.84 -3.54 -11.29
N CYS A 29 -0.42 -3.13 -11.12
CA CYS A 29 -1.50 -3.72 -11.90
C CYS A 29 -1.51 -3.13 -13.30
N GLY A 30 -0.61 -2.18 -13.52
CA GLY A 30 -0.44 -1.53 -14.81
C GLY A 30 -1.08 -0.18 -14.95
N ALA A 31 -1.94 0.15 -14.00
CA ALA A 31 -2.68 1.39 -14.03
C ALA A 31 -1.85 2.60 -13.72
N GLU A 32 -2.11 3.71 -14.41
CA GLU A 32 -1.39 4.93 -14.13
C GLU A 32 -2.18 5.73 -13.09
N ILE A 33 -1.50 6.24 -12.08
CA ILE A 33 -2.19 7.02 -11.08
C ILE A 33 -1.53 8.37 -11.00
N THR A 34 -2.39 9.39 -10.99
CA THR A 34 -2.01 10.80 -10.91
C THR A 34 -2.47 11.43 -9.61
N GLY A 35 -1.59 12.19 -8.98
CA GLY A 35 -1.93 12.87 -7.74
C GLY A 35 -1.75 14.37 -7.76
N HIS A 36 -2.82 15.14 -7.60
CA HIS A 36 -2.66 16.59 -7.59
C HIS A 36 -2.50 17.14 -6.17
N VAL A 37 -1.34 17.72 -5.89
CA VAL A 37 -1.04 18.24 -4.55
C VAL A 37 -1.11 19.74 -4.32
N LYS A 38 -2.03 20.18 -3.45
CA LYS A 38 -2.16 21.61 -3.10
C LYS A 38 -2.26 21.73 -1.58
N ASN A 39 -1.38 22.53 -0.97
CA ASN A 39 -1.37 22.72 0.48
C ASN A 39 -1.19 21.43 1.21
N GLY A 40 -0.42 20.50 0.66
CA GLY A 40 -0.20 19.23 1.35
C GLY A 40 -1.18 18.11 1.09
N THR A 41 -2.33 18.42 0.50
CA THR A 41 -3.28 17.36 0.23
C THR A 41 -3.19 16.94 -1.23
N MET A 42 -3.31 15.64 -1.43
CA MET A 42 -3.26 15.04 -2.77
C MET A 42 -4.61 14.48 -3.17
N ARG A 43 -5.12 14.91 -4.32
CA ARG A 43 -6.39 14.36 -4.81
C ARG A 43 -5.97 13.27 -5.79
N ILE A 44 -6.53 12.06 -5.67
CA ILE A 44 -6.11 10.97 -6.57
C ILE A 44 -7.00 10.74 -7.80
N VAL A 45 -6.35 10.55 -8.95
CA VAL A 45 -7.00 10.26 -10.23
C VAL A 45 -6.45 9.06 -10.94
N GLY A 46 -7.30 8.07 -11.18
CA GLY A 46 -6.85 6.87 -11.83
C GLY A 46 -8.02 6.08 -12.37
N PRO A 47 -7.70 4.95 -13.06
CA PRO A 47 -8.68 4.07 -13.67
C PRO A 47 -9.45 3.38 -12.62
N ARG A 48 -10.71 3.05 -12.90
CA ARG A 48 -11.54 2.40 -11.92
C ARG A 48 -10.87 1.08 -11.56
N THR A 49 -10.17 0.51 -12.51
CA THR A 49 -9.72 -0.85 -12.41
C THR A 49 -8.86 -1.01 -11.17
N CYS A 50 -8.10 0.02 -10.88
CA CYS A 50 -7.06 -0.03 -9.86
C CYS A 50 -7.51 0.32 -8.45
N ARG A 51 -7.01 -0.34 -7.45
CA ARG A 51 -7.43 -0.14 -6.07
C ARG A 51 -7.10 1.26 -5.60
N ASN A 52 -6.03 1.74 -6.04
CA ASN A 52 -5.47 2.90 -5.38
C ASN A 52 -6.45 4.03 -5.67
N MET A 53 -7.09 4.01 -6.83
CA MET A 53 -8.06 5.07 -7.18
C MET A 53 -9.25 5.10 -6.24
N TRP A 54 -9.76 3.92 -5.88
CA TRP A 54 -10.85 3.77 -4.91
C TRP A 54 -10.43 4.07 -3.48
N SER A 55 -9.18 3.71 -3.19
CA SER A 55 -8.60 3.91 -1.86
C SER A 55 -8.07 5.33 -1.57
N GLY A 56 -8.01 6.14 -2.61
CA GLY A 56 -7.48 7.48 -2.50
C GLY A 56 -5.97 7.42 -2.35
N THR A 57 -5.37 6.27 -2.62
CA THR A 57 -3.96 6.08 -2.33
C THR A 57 -3.05 6.25 -3.55
N PHE A 58 -1.76 6.47 -3.29
CA PHE A 58 -0.72 6.71 -4.32
C PHE A 58 0.42 5.71 -4.22
N PRO A 59 0.57 4.77 -5.16
CA PRO A 59 1.68 3.80 -5.10
C PRO A 59 3.07 4.34 -5.51
N ILE A 60 4.02 4.46 -4.56
CA ILE A 60 5.37 4.97 -4.86
C ILE A 60 6.27 3.88 -5.54
N ASN A 61 6.70 4.18 -6.74
CA ASN A 61 7.50 3.26 -7.51
C ASN A 61 8.75 3.85 -8.09
N ALA A 62 9.44 3.06 -8.89
CA ALA A 62 10.66 3.48 -9.58
C ALA A 62 10.07 4.25 -10.75
N TYR A 63 8.77 4.12 -10.89
CA TYR A 63 7.95 4.77 -11.89
C TYR A 63 7.39 6.12 -11.45
N THR A 64 7.56 6.49 -10.19
CA THR A 64 7.02 7.75 -9.70
C THR A 64 7.80 8.95 -10.29
N THR A 65 7.08 10.01 -10.65
CA THR A 65 7.65 11.21 -11.24
C THR A 65 7.03 12.43 -10.53
N GLY A 66 7.78 13.51 -10.28
CA GLY A 66 7.13 14.62 -9.58
C GLY A 66 7.97 15.47 -8.63
N PRO A 67 7.40 16.57 -8.13
CA PRO A 67 8.12 17.43 -7.17
C PRO A 67 7.80 17.20 -5.68
N CYS A 68 6.63 16.63 -5.38
CA CYS A 68 6.19 16.38 -4.00
C CYS A 68 6.84 15.23 -3.19
N THR A 69 6.83 15.35 -1.86
CA THR A 69 7.41 14.38 -0.94
C THR A 69 6.42 13.95 0.17
N PRO A 70 6.36 12.65 0.43
CA PRO A 70 5.48 12.12 1.49
C PRO A 70 5.88 12.59 2.89
N LEU A 71 4.88 12.83 3.74
CA LEU A 71 5.09 13.32 5.09
C LEU A 71 4.20 12.55 6.03
N PRO A 72 4.62 11.32 6.37
CA PRO A 72 3.89 10.39 7.24
C PRO A 72 3.64 10.81 8.67
N ALA A 73 2.52 10.35 9.19
CA ALA A 73 2.18 10.62 10.56
C ALA A 73 3.11 9.75 11.39
N PRO A 74 3.60 10.29 12.51
CA PRO A 74 4.50 9.61 13.45
C PRO A 74 3.85 8.45 14.19
N ASN A 75 2.56 8.20 13.96
CA ASN A 75 1.87 7.16 14.72
C ASN A 75 1.70 5.78 14.07
N TYR A 76 2.78 5.29 13.49
CA TYR A 76 2.79 3.98 12.86
C TYR A 76 2.88 2.85 13.83
N LYS A 77 2.74 1.63 13.31
CA LYS A 77 2.89 0.38 14.06
C LYS A 77 4.27 -0.20 13.82
N PHE A 78 4.64 -0.38 12.56
CA PHE A 78 5.95 -0.94 12.23
C PHE A 78 6.58 -0.10 11.13
N ALA A 79 7.91 -0.09 11.04
CA ALA A 79 8.57 0.66 9.97
C ALA A 79 9.85 -0.04 9.53
N LEU A 80 10.21 0.17 8.27
CA LEU A 80 11.42 -0.41 7.72
C LEU A 80 12.47 0.67 7.57
N TRP A 81 13.63 0.44 8.16
CA TRP A 81 14.71 1.40 8.10
C TRP A 81 15.90 0.89 7.32
N ARG A 82 16.25 1.57 6.23
CA ARG A 82 17.38 1.13 5.46
C ARG A 82 18.60 1.74 6.13
N VAL A 83 19.35 0.87 6.80
CA VAL A 83 20.56 1.27 7.52
C VAL A 83 21.86 0.93 6.84
N SER A 84 21.83 0.59 5.57
CA SER A 84 23.04 0.25 4.86
C SER A 84 22.70 0.11 3.42
N ALA A 85 23.70 0.01 2.57
CA ALA A 85 23.45 -0.08 1.15
C ALA A 85 22.45 -1.20 0.85
N GLU A 86 22.55 -2.32 1.57
CA GLU A 86 21.65 -3.45 1.35
C GLU A 86 21.04 -4.03 2.63
N GLU A 87 21.06 -3.29 3.72
CA GLU A 87 20.53 -3.81 4.99
C GLU A 87 19.41 -3.00 5.60
N TYR A 88 18.39 -3.70 6.13
CA TYR A 88 17.22 -3.08 6.75
C TYR A 88 16.95 -3.50 8.20
N VAL A 89 16.08 -2.75 8.89
CA VAL A 89 15.69 -3.10 10.26
C VAL A 89 14.20 -2.86 10.49
N GLU A 90 13.50 -3.72 11.24
CA GLU A 90 12.09 -3.42 11.46
C GLU A 90 12.06 -2.82 12.84
N ILE A 91 11.43 -1.66 12.92
CA ILE A 91 11.26 -0.89 14.13
C ILE A 91 9.79 -0.92 14.51
N ARG A 92 9.44 -1.47 15.67
CA ARG A 92 8.05 -1.48 16.11
C ARG A 92 7.81 -0.40 17.17
N ARG A 93 6.75 0.37 16.99
CA ARG A 93 6.45 1.47 17.90
C ARG A 93 5.37 1.21 18.94
N VAL A 94 5.72 1.50 20.20
CA VAL A 94 4.79 1.40 21.32
C VAL A 94 4.87 2.75 22.08
N GLY A 95 3.84 3.57 21.96
CA GLY A 95 3.78 4.87 22.60
C GLY A 95 4.84 5.87 22.19
N ASP A 96 5.66 6.37 23.10
CA ASP A 96 6.68 7.34 22.67
C ASP A 96 7.99 6.58 22.42
N PHE A 97 7.96 5.27 22.62
CA PHE A 97 9.18 4.49 22.45
C PHE A 97 9.07 3.60 21.21
N HIS A 98 10.23 3.28 20.63
CA HIS A 98 10.31 2.39 19.49
C HIS A 98 11.26 1.25 19.77
N TYR A 99 10.85 0.03 19.44
CA TYR A 99 11.67 -1.15 19.67
C TYR A 99 12.05 -1.95 18.43
N VAL A 100 13.35 -2.18 18.24
CA VAL A 100 13.85 -2.80 17.01
C VAL A 100 13.48 -4.27 16.92
N SER A 101 12.37 -4.56 16.25
CA SER A 101 11.87 -5.91 16.16
C SER A 101 12.38 -6.79 15.01
N GLY A 102 13.34 -6.33 14.21
CA GLY A 102 13.82 -7.21 13.14
C GLY A 102 15.02 -6.72 12.38
N MET A 103 15.71 -7.63 11.71
CA MET A 103 16.89 -7.22 10.96
C MET A 103 17.20 -8.21 9.89
N THR A 104 17.58 -7.71 8.71
CA THR A 104 17.85 -8.62 7.63
C THR A 104 19.08 -9.49 7.84
N THR A 105 20.05 -9.00 8.61
CA THR A 105 21.28 -9.74 8.91
C THR A 105 21.70 -9.49 10.37
N ASP A 106 22.28 -10.49 11.03
CA ASP A 106 22.73 -10.36 12.42
C ASP A 106 23.94 -9.43 12.56
N ASN A 107 23.93 -8.58 13.54
CA ASN A 107 25.04 -7.82 14.13
C ASN A 107 25.23 -6.58 13.26
N LEU A 108 24.21 -6.19 12.49
CA LEU A 108 24.31 -4.99 11.64
C LEU A 108 24.55 -3.78 12.54
N LYS A 109 25.41 -2.86 12.10
CA LYS A 109 25.64 -1.67 12.89
C LYS A 109 24.34 -0.87 12.75
N CYS A 110 24.06 -0.01 13.72
CA CYS A 110 22.79 0.70 13.82
C CYS A 110 22.95 2.13 14.34
N PRO A 111 21.91 2.93 14.12
CA PRO A 111 21.86 4.30 14.62
C PRO A 111 21.03 4.37 15.89
N CYS A 112 21.51 5.10 16.89
CA CYS A 112 20.86 5.14 18.17
C CYS A 112 19.55 5.90 18.23
N GLN A 113 19.20 6.63 17.18
CA GLN A 113 18.03 7.49 17.26
C GLN A 113 17.23 7.32 16.00
N ILE A 114 15.92 7.26 16.16
CA ILE A 114 15.02 7.09 15.05
C ILE A 114 14.96 8.34 14.20
N PRO A 115 14.68 8.18 12.89
CA PRO A 115 14.63 9.36 12.04
C PRO A 115 13.24 9.97 11.97
N SER A 116 13.04 10.91 11.05
CA SER A 116 11.72 11.48 10.90
C SER A 116 11.01 10.38 10.11
N PRO A 117 9.69 10.21 10.31
CA PRO A 117 8.98 9.16 9.57
C PRO A 117 9.33 9.06 8.09
N GLU A 118 9.45 10.22 7.46
CA GLU A 118 9.75 10.32 6.04
C GLU A 118 11.04 9.70 5.54
N PHE A 119 12.01 9.44 6.42
CA PHE A 119 13.29 8.84 6.02
C PHE A 119 13.17 7.33 6.02
N PHE A 120 12.02 6.81 6.48
CA PHE A 120 11.84 5.37 6.47
C PHE A 120 11.47 4.93 5.09
N THR A 121 11.99 3.78 4.74
CA THR A 121 11.75 3.15 3.45
C THR A 121 10.33 2.65 3.29
N GLU A 122 9.77 2.12 4.36
CA GLU A 122 8.43 1.56 4.27
C GLU A 122 7.68 1.77 5.55
N LEU A 123 6.39 2.08 5.45
CA LEU A 123 5.62 2.28 6.66
C LEU A 123 4.33 1.46 6.62
N ASP A 124 4.17 0.56 7.60
CA ASP A 124 2.99 -0.30 7.63
C ASP A 124 2.64 -0.88 6.28
N GLY A 125 3.64 -1.36 5.56
CA GLY A 125 3.41 -1.91 4.24
C GLY A 125 3.43 -0.88 3.11
N VAL A 126 3.59 0.40 3.41
CA VAL A 126 3.61 1.36 2.33
C VAL A 126 5.02 1.84 2.05
N ARG A 127 5.49 1.63 0.82
CA ARG A 127 6.83 2.05 0.47
C ARG A 127 6.72 3.55 0.29
N LEU A 128 7.73 4.27 0.77
CA LEU A 128 7.74 5.72 0.70
C LEU A 128 8.82 6.33 -0.17
N HIS A 129 9.86 5.58 -0.47
CA HIS A 129 10.94 6.07 -1.31
C HIS A 129 10.69 5.45 -2.62
N ARG A 130 11.15 5.98 -3.73
CA ARG A 130 10.96 5.20 -4.93
C ARG A 130 11.99 4.14 -5.23
N PHE A 131 13.22 4.35 -4.81
CA PHE A 131 14.30 3.38 -5.02
C PHE A 131 14.66 2.73 -3.69
N ALA A 132 14.38 1.44 -3.60
CA ALA A 132 14.59 0.65 -2.40
C ALA A 132 14.98 -0.78 -2.74
N PRO A 133 16.24 -1.13 -2.52
CA PRO A 133 16.65 -2.50 -2.83
C PRO A 133 15.93 -3.49 -1.92
N PRO A 134 15.72 -4.71 -2.40
CA PRO A 134 14.89 -5.73 -1.73
C PRO A 134 15.38 -6.24 -0.38
N CYS A 135 14.43 -6.62 0.46
CA CYS A 135 14.65 -7.02 1.83
C CYS A 135 14.68 -8.51 2.13
N LYS A 136 15.85 -9.04 2.43
CA LYS A 136 16.02 -10.46 2.77
C LYS A 136 15.10 -10.77 3.96
N PRO A 137 14.89 -12.06 4.27
CA PRO A 137 14.00 -12.29 5.42
C PRO A 137 14.47 -11.58 6.69
N LEU A 138 13.53 -10.93 7.37
CA LEU A 138 13.82 -10.20 8.59
C LEU A 138 13.95 -11.23 9.73
N LEU A 139 15.03 -11.14 10.49
CA LEU A 139 15.27 -12.05 11.59
C LEU A 139 14.79 -11.54 12.94
N ARG A 140 13.81 -12.22 13.53
CA ARG A 140 13.25 -11.78 14.81
C ARG A 140 13.58 -12.77 15.97
N GLU A 141 14.46 -13.76 15.72
CA GLU A 141 14.84 -14.76 16.73
C GLU A 141 16.03 -14.36 17.62
N VAL A 143 19.06 -13.04 17.44
CA VAL A 143 20.39 -12.44 17.26
C VAL A 143 20.44 -11.05 17.89
N SER A 144 21.50 -10.31 17.55
CA SER A 144 21.65 -8.94 18.02
C SER A 144 22.16 -7.91 17.03
N PHE A 145 22.04 -6.64 17.41
CA PHE A 145 22.51 -5.55 16.58
C PHE A 145 23.60 -4.84 17.33
N ARG A 146 24.35 -4.00 16.63
CA ARG A 146 25.35 -3.13 17.25
C ARG A 146 25.09 -1.65 17.01
N VAL A 147 25.00 -0.88 18.09
CA VAL A 147 24.76 0.55 18.00
C VAL A 147 26.15 1.11 18.27
N HIS A 150 28.29 -0.32 21.49
CA HIS A 150 27.85 -1.48 22.24
C HIS A 150 27.12 -2.45 21.37
N GLU A 151 26.62 -3.52 21.97
CA GLU A 151 25.90 -4.57 21.25
C GLU A 151 24.74 -5.29 21.91
N TYR A 152 23.62 -5.42 21.18
CA TYR A 152 22.29 -5.68 21.75
C TYR A 152 21.23 -6.53 21.06
N PRO A 153 20.57 -7.36 21.87
CA PRO A 153 19.69 -8.44 21.43
C PRO A 153 18.45 -7.86 20.75
N VAL A 154 17.74 -8.67 19.95
CA VAL A 154 16.49 -8.25 19.32
C VAL A 154 15.47 -7.86 20.40
N GLY A 155 14.52 -7.01 20.03
CA GLY A 155 13.51 -6.53 20.94
C GLY A 155 13.86 -5.35 21.83
N SER A 156 15.13 -4.98 21.86
CA SER A 156 15.59 -3.87 22.69
C SER A 156 15.17 -2.52 22.07
N GLN A 157 14.92 -1.54 22.93
CA GLN A 157 14.60 -0.19 22.50
C GLN A 157 15.88 0.43 21.96
N LEU A 158 15.77 1.58 21.31
CA LEU A 158 16.91 2.24 20.68
C LEU A 158 17.64 2.97 21.81
N PRO A 159 18.92 2.62 21.93
CA PRO A 159 19.73 2.97 23.10
C PRO A 159 19.87 4.45 23.39
N CYS A 160 19.53 5.32 22.44
CA CYS A 160 19.43 6.74 22.73
C CYS A 160 18.00 7.18 22.82
N GLU A 161 17.04 6.57 23.04
CA GLU A 161 15.81 6.44 23.80
C GLU A 161 15.48 5.88 25.18
N PRO A 162 16.43 6.00 26.10
CA PRO A 162 16.25 5.49 27.47
C PRO A 162 15.62 6.54 28.38
N PRO B 5 39.99 20.02 -8.35
CA PRO B 5 40.93 20.41 -7.29
C PRO B 5 40.44 19.96 -5.91
N PHE B 6 39.62 18.91 -5.88
CA PHE B 6 39.12 18.35 -4.62
C PHE B 6 39.69 16.94 -4.43
N VAL B 7 40.29 16.72 -3.28
CA VAL B 7 40.90 15.43 -2.97
C VAL B 7 40.55 14.05 -2.41
N SER B 8 39.31 13.61 -2.53
CA SER B 8 38.24 13.03 -1.71
C SER B 8 38.61 11.77 -0.92
N CYS B 9 38.40 11.82 0.40
CA CYS B 9 38.03 13.08 1.12
C CYS B 9 36.77 13.81 0.69
N GLN B 10 35.80 13.05 0.23
CA GLN B 10 34.74 13.45 -0.73
C GLN B 10 34.15 14.89 -0.75
N ARG B 11 33.87 15.44 -1.95
CA ARG B 11 33.31 16.80 -2.17
C ARG B 11 32.01 17.01 -1.41
N GLY B 12 32.04 17.90 -0.42
CA GLY B 12 30.86 18.17 0.39
C GLY B 12 29.84 19.13 -0.20
N TYR B 13 28.57 18.99 0.21
CA TYR B 13 27.58 20.00 -0.10
C TYR B 13 27.63 21.17 0.87
N ARG B 14 27.64 22.40 0.36
CA ARG B 14 27.48 23.58 1.22
C ARG B 14 26.38 24.49 0.66
N GLY B 15 25.31 24.67 1.40
CA GLY B 15 24.15 25.41 0.91
C GLY B 15 23.07 25.38 1.97
N VAL B 16 21.85 25.76 1.63
CA VAL B 16 20.75 25.73 2.60
C VAL B 16 20.29 24.30 2.91
N TRP B 17 19.74 24.08 4.10
CA TRP B 17 19.23 22.77 4.46
C TRP B 17 17.74 22.78 4.80
N ARG B 18 17.05 21.68 4.55
CA ARG B 18 15.65 21.54 4.96
C ARG B 18 15.50 20.86 6.34
N GLY B 19 14.86 21.56 7.27
CA GLY B 19 14.69 21.06 8.62
C GLY B 19 15.68 21.77 9.52
N ASP B 20 15.52 21.64 10.83
CA ASP B 20 16.52 22.10 11.81
C ASP B 20 17.05 20.82 12.45
N GLY B 21 18.17 20.87 13.17
CA GLY B 21 18.71 19.70 13.86
C GLY B 21 20.20 19.38 13.71
N ILE B 22 20.64 18.21 14.16
CA ILE B 22 22.06 17.82 14.11
C ILE B 22 22.35 16.66 13.16
N MET B 23 23.28 16.89 12.22
CA MET B 23 23.61 15.95 11.14
C MET B 23 24.96 15.31 11.38
N HIS B 24 25.19 14.14 10.80
CA HIS B 24 26.37 13.33 11.07
C HIS B 24 26.88 12.56 9.87
N THR B 25 28.10 12.81 9.42
CA THR B 25 28.62 12.06 8.28
C THR B 25 30.08 11.70 8.45
N ARG B 26 30.54 10.75 7.65
CA ARG B 26 31.95 10.38 7.66
C ARG B 26 32.51 10.63 6.28
N CYS B 27 33.63 11.33 6.23
CA CYS B 27 34.40 11.49 5.01
C CYS B 27 35.15 10.20 4.67
N HIS B 28 35.62 10.11 3.42
CA HIS B 28 36.48 9.06 2.86
C HIS B 28 37.90 8.97 3.40
N CYS B 29 38.43 10.12 3.81
CA CYS B 29 39.63 10.20 4.62
C CYS B 29 39.46 9.61 6.04
N GLY B 30 38.27 9.72 6.61
CA GLY B 30 38.00 9.06 7.87
C GLY B 30 37.29 9.96 8.85
N ALA B 31 37.35 11.25 8.58
CA ALA B 31 36.80 12.27 9.49
C ALA B 31 35.35 12.01 9.80
N GLU B 32 34.91 12.31 11.03
CA GLU B 32 33.47 12.40 11.29
C GLU B 32 33.08 13.87 11.36
N ILE B 33 32.39 14.38 10.33
CA ILE B 33 31.91 15.76 10.34
C ILE B 33 30.48 15.88 10.89
N THR B 34 30.30 16.84 11.80
CA THR B 34 29.01 17.06 12.46
C THR B 34 28.41 18.40 12.00
N GLY B 35 27.12 18.41 11.70
CA GLY B 35 26.50 19.61 11.20
C GLY B 35 25.39 20.10 12.11
N HIS B 36 25.29 21.41 12.29
CA HIS B 36 24.26 21.94 13.15
C HIS B 36 23.41 22.88 12.35
N VAL B 37 22.32 22.35 11.81
CA VAL B 37 21.34 23.16 11.07
C VAL B 37 20.36 23.90 11.99
N LYS B 38 20.30 25.22 11.83
CA LYS B 38 19.36 26.06 12.57
C LYS B 38 18.97 27.22 11.65
N ASN B 39 17.67 27.45 11.52
CA ASN B 39 17.14 28.38 10.52
C ASN B 39 17.81 28.12 9.16
N GLY B 40 17.96 26.84 8.83
CA GLY B 40 18.42 26.43 7.52
C GLY B 40 19.87 26.69 7.15
N THR B 41 20.66 27.17 8.12
CA THR B 41 22.10 27.29 7.93
C THR B 41 22.83 26.28 8.83
N MET B 42 23.71 25.49 8.25
CA MET B 42 24.42 24.46 9.01
C MET B 42 25.85 24.87 9.41
N ARG B 43 26.16 24.70 10.70
CA ARG B 43 27.49 24.97 11.19
C ARG B 43 28.28 23.69 11.41
N ILE B 44 29.41 23.67 10.81
CA ILE B 44 30.19 22.43 10.67
C ILE B 44 31.23 22.31 11.77
N VAL B 45 31.42 21.08 12.27
CA VAL B 45 32.42 20.76 13.29
C VAL B 45 33.15 19.44 12.95
N GLY B 46 34.45 19.58 12.75
CA GLY B 46 35.32 18.63 12.06
C GLY B 46 36.80 18.81 12.41
N PRO B 47 37.65 17.94 11.85
CA PRO B 47 39.10 17.92 12.14
C PRO B 47 39.94 18.62 11.05
N ARG B 48 40.95 19.36 11.48
CA ARG B 48 41.80 20.19 10.62
C ARG B 48 42.23 19.44 9.37
N THR B 49 42.35 18.14 9.51
CA THR B 49 42.84 17.28 8.45
C THR B 49 41.93 17.05 7.21
N CYS B 50 40.61 17.09 7.38
CA CYS B 50 39.67 16.79 6.29
C CYS B 50 39.56 18.03 5.42
N ARG B 51 39.50 17.88 4.11
CA ARG B 51 39.42 19.08 3.30
C ARG B 51 38.09 19.73 3.54
N ASN B 52 37.05 18.93 3.70
CA ASN B 52 35.72 19.47 3.94
C ASN B 52 35.65 20.53 5.04
N MET B 53 36.57 20.46 6.00
CA MET B 53 36.55 21.43 7.07
C MET B 53 37.02 22.70 6.47
N TRP B 54 38.02 22.62 5.61
CA TRP B 54 38.59 23.82 5.02
C TRP B 54 37.64 24.54 4.09
N SER B 55 36.64 23.81 3.60
CA SER B 55 35.82 24.27 2.48
C SER B 55 34.45 24.59 3.00
N GLY B 56 34.25 24.30 4.27
CA GLY B 56 32.96 24.49 4.90
C GLY B 56 31.89 23.62 4.33
N THR B 57 32.25 22.41 3.93
CA THR B 57 31.31 21.56 3.20
C THR B 57 31.02 20.33 4.03
N PHE B 58 30.05 19.53 3.62
CA PHE B 58 29.56 18.39 4.38
C PHE B 58 29.26 17.26 3.41
N PRO B 59 30.14 16.28 3.33
CA PRO B 59 30.00 15.16 2.37
C PRO B 59 28.78 14.27 2.67
N ILE B 60 28.15 13.74 1.64
CA ILE B 60 26.96 12.91 1.83
C ILE B 60 27.21 11.47 1.46
N ASN B 61 26.91 10.56 2.38
CA ASN B 61 27.26 9.16 2.20
C ASN B 61 26.21 8.24 2.78
N ALA B 62 26.40 6.94 2.57
CA ALA B 62 25.64 5.91 3.24
C ALA B 62 25.76 6.17 4.75
N TYR B 63 26.82 6.86 5.15
CA TYR B 63 27.09 7.12 6.57
C TYR B 63 26.34 8.33 7.14
N THR B 64 25.82 9.20 6.29
CA THR B 64 25.09 10.40 6.73
C THR B 64 23.93 10.03 7.70
N THR B 65 23.56 10.96 8.59
CA THR B 65 22.59 10.68 9.66
C THR B 65 22.05 11.92 10.39
N GLY B 66 20.74 12.14 10.26
CA GLY B 66 20.07 13.24 10.92
C GLY B 66 18.79 13.55 10.19
N PRO B 67 18.08 14.59 10.63
CA PRO B 67 16.76 14.94 10.11
C PRO B 67 16.79 15.87 8.90
N CYS B 68 17.97 16.28 8.43
CA CYS B 68 18.00 17.35 7.44
C CYS B 68 18.29 16.97 5.98
N THR B 69 17.86 17.85 5.09
CA THR B 69 17.97 17.63 3.66
C THR B 69 18.54 18.85 2.95
N PRO B 70 19.34 18.60 1.93
CA PRO B 70 19.92 19.62 1.09
C PRO B 70 18.90 20.38 0.27
N LEU B 71 19.06 21.69 0.24
CA LEU B 71 18.23 22.57 -0.56
C LEU B 71 19.09 23.45 -1.43
N PRO B 72 19.64 22.87 -2.49
CA PRO B 72 20.55 23.55 -3.43
C PRO B 72 19.88 24.56 -4.35
N ALA B 73 20.67 25.51 -4.85
CA ALA B 73 20.18 26.57 -5.71
C ALA B 73 20.05 26.05 -7.14
N PRO B 74 19.17 26.62 -7.95
CA PRO B 74 18.88 26.04 -9.26
C PRO B 74 19.88 26.31 -10.37
N ASN B 75 20.91 27.06 -9.96
CA ASN B 75 21.98 27.44 -10.89
C ASN B 75 23.18 26.51 -10.79
N TYR B 76 22.93 25.22 -10.99
CA TYR B 76 23.99 24.25 -11.24
C TYR B 76 24.49 24.30 -12.70
N LYS B 77 25.62 23.64 -13.00
CA LYS B 77 26.11 23.57 -14.38
C LYS B 77 25.94 22.17 -14.98
N PHE B 78 26.02 21.13 -14.15
CA PHE B 78 25.79 19.74 -14.57
C PHE B 78 25.12 18.96 -13.45
N ALA B 79 24.16 18.12 -13.81
CA ALA B 79 23.44 17.38 -12.80
C ALA B 79 23.32 15.94 -13.22
N LEU B 80 23.95 14.69 -12.59
CA LEU B 80 23.68 13.31 -12.92
C LEU B 80 22.30 12.81 -12.51
N TRP B 81 20.92 12.59 -12.99
CA TRP B 81 19.51 12.28 -12.75
C TRP B 81 19.24 10.79 -12.76
N ARG B 82 18.92 10.25 -11.60
CA ARG B 82 18.59 8.84 -11.46
C ARG B 82 17.24 8.51 -12.08
N VAL B 83 17.26 7.81 -13.20
CA VAL B 83 16.03 7.54 -13.95
C VAL B 83 15.55 6.08 -13.81
N SER B 84 16.42 5.11 -14.07
CA SER B 84 16.12 3.71 -13.76
C SER B 84 16.54 3.46 -12.34
N ALA B 85 16.58 2.20 -11.96
CA ALA B 85 17.12 1.86 -10.66
C ALA B 85 18.62 1.89 -10.76
N GLU B 86 19.14 1.77 -11.98
CA GLU B 86 20.58 1.70 -12.21
C GLU B 86 21.07 2.60 -13.33
N GLU B 87 20.19 3.46 -13.84
CA GLU B 87 20.53 4.33 -14.97
C GLU B 87 20.40 5.81 -14.63
N TYR B 88 21.35 6.62 -15.14
CA TYR B 88 21.35 8.07 -14.87
C TYR B 88 21.44 8.85 -16.17
N VAL B 89 21.26 10.16 -16.07
CA VAL B 89 21.32 11.07 -17.21
C VAL B 89 22.01 12.38 -16.79
N GLU B 90 22.96 12.85 -17.59
CA GLU B 90 23.64 14.08 -17.29
C GLU B 90 22.93 15.25 -17.96
N ILE B 91 22.46 16.18 -17.15
CA ILE B 91 21.81 17.38 -17.62
C ILE B 91 22.80 18.53 -17.54
N ARG B 92 22.82 19.36 -18.57
CA ARG B 92 23.64 20.56 -18.60
C ARG B 92 22.69 21.75 -18.61
N ARG B 93 22.94 22.72 -17.74
CA ARG B 93 22.06 23.87 -17.62
C ARG B 93 22.69 25.12 -18.23
N VAL B 94 21.96 25.71 -19.19
CA VAL B 94 22.42 26.91 -19.87
C VAL B 94 21.27 27.90 -19.87
N GLY B 95 21.39 28.99 -19.13
CA GLY B 95 20.29 29.94 -19.00
C GLY B 95 19.14 29.23 -18.32
N ASP B 96 17.90 29.65 -18.57
CA ASP B 96 16.78 28.95 -17.94
C ASP B 96 16.38 27.61 -18.64
N PHE B 97 17.33 26.99 -19.34
CA PHE B 97 17.03 25.83 -20.21
C PHE B 97 17.97 24.67 -19.87
N HIS B 98 17.41 23.47 -19.70
CA HIS B 98 18.21 22.30 -19.42
C HIS B 98 18.18 21.16 -20.41
N TYR B 99 19.29 20.67 -20.83
CA TYR B 99 19.51 19.89 -22.04
C TYR B 99 20.23 18.60 -21.62
N VAL B 100 19.74 17.46 -22.13
CA VAL B 100 20.33 16.16 -21.82
C VAL B 100 21.72 16.00 -22.44
N SER B 101 22.77 16.21 -21.65
CA SER B 101 24.12 16.14 -22.21
C SER B 101 24.71 14.72 -22.21
N GLY B 102 24.01 13.78 -21.57
CA GLY B 102 24.50 12.42 -21.57
C GLY B 102 23.67 11.38 -20.82
N MET B 103 24.06 10.12 -20.95
CA MET B 103 23.24 9.05 -20.40
C MET B 103 24.02 7.76 -20.29
N THR B 104 23.74 6.99 -19.25
CA THR B 104 24.43 5.74 -18.97
C THR B 104 24.20 4.72 -20.07
N THR B 105 22.97 4.64 -20.56
CA THR B 105 22.59 3.66 -21.59
C THR B 105 21.71 4.30 -22.68
N ASP B 106 21.70 3.73 -23.88
CA ASP B 106 20.93 4.29 -25.01
C ASP B 106 19.48 3.81 -25.02
N ASN B 107 18.62 4.59 -25.69
CA ASN B 107 17.17 4.44 -25.64
C ASN B 107 16.62 4.56 -24.21
N LEU B 108 17.24 5.46 -23.44
CA LEU B 108 16.92 5.59 -22.03
C LEU B 108 15.67 6.42 -21.84
N LYS B 109 14.56 5.75 -21.53
CA LYS B 109 13.32 6.44 -21.22
C LYS B 109 13.58 7.44 -20.09
N CYS B 110 12.95 8.60 -20.19
CA CYS B 110 13.10 9.65 -19.18
C CYS B 110 11.87 10.55 -19.06
N PRO B 111 11.74 11.17 -17.90
CA PRO B 111 10.68 12.17 -17.61
C PRO B 111 10.87 13.40 -18.48
N CYS B 112 9.85 14.20 -18.73
CA CYS B 112 10.11 15.34 -19.61
C CYS B 112 10.30 16.66 -18.88
N GLN B 113 9.65 16.84 -17.73
CA GLN B 113 9.92 18.05 -16.94
C GLN B 113 11.17 17.83 -16.09
N ILE B 114 12.02 18.86 -15.96
CA ILE B 114 13.21 18.78 -15.09
C ILE B 114 12.73 18.80 -13.63
N PRO B 115 13.46 18.13 -12.71
CA PRO B 115 13.01 18.11 -11.31
C PRO B 115 13.46 19.32 -10.51
N SER B 116 12.90 19.48 -9.31
CA SER B 116 13.37 20.47 -8.37
C SER B 116 14.78 19.98 -8.03
N PRO B 117 15.71 20.91 -7.77
CA PRO B 117 17.13 20.62 -7.57
C PRO B 117 17.47 19.50 -6.57
N GLU B 118 16.69 19.34 -5.52
CA GLU B 118 17.02 18.37 -4.47
C GLU B 118 16.66 16.92 -4.80
N PHE B 119 16.26 16.65 -6.05
CA PHE B 119 15.93 15.29 -6.46
C PHE B 119 17.01 14.73 -7.33
N PHE B 120 17.89 15.62 -7.79
CA PHE B 120 19.09 15.21 -8.49
C PHE B 120 20.04 14.42 -7.60
N THR B 121 20.68 13.41 -8.15
CA THR B 121 21.62 12.62 -7.39
C THR B 121 22.96 13.35 -7.11
N GLU B 122 23.54 13.93 -8.16
CA GLU B 122 24.70 14.80 -7.99
C GLU B 122 24.84 16.09 -8.78
N LEU B 123 25.22 17.15 -8.08
CA LEU B 123 25.27 18.48 -8.68
C LEU B 123 26.71 18.96 -8.75
N ASP B 124 27.22 19.10 -9.97
CA ASP B 124 28.59 19.58 -10.19
C ASP B 124 29.59 18.82 -9.33
N GLY B 125 29.40 17.52 -9.23
CA GLY B 125 30.34 16.66 -8.52
C GLY B 125 30.05 16.46 -7.04
N VAL B 126 28.91 16.99 -6.60
CA VAL B 126 28.52 16.92 -5.20
C VAL B 126 27.27 16.06 -5.03
N ARG B 127 27.31 15.19 -4.03
CA ARG B 127 26.29 14.16 -3.87
C ARG B 127 25.21 14.92 -3.11
N LEU B 128 23.99 14.49 -3.40
CA LEU B 128 22.80 14.99 -2.74
C LEU B 128 22.02 13.95 -1.96
N HIS B 129 22.26 12.66 -2.20
CA HIS B 129 21.44 11.66 -1.52
C HIS B 129 22.27 10.57 -0.92
N ARG B 130 21.86 10.06 0.24
CA ARG B 130 22.71 9.17 1.01
C ARG B 130 23.07 7.90 0.26
N PHE B 131 22.13 7.30 -0.46
CA PHE B 131 22.45 6.14 -1.26
C PHE B 131 22.11 6.34 -2.71
N ALA B 132 22.88 5.67 -3.56
CA ALA B 132 22.64 5.55 -4.99
C ALA B 132 23.66 4.55 -5.53
N PRO B 133 23.42 4.00 -6.74
CA PRO B 133 24.39 3.20 -7.48
C PRO B 133 25.71 3.95 -7.78
N PRO B 134 26.70 3.22 -8.34
CA PRO B 134 27.78 3.89 -9.08
C PRO B 134 27.26 4.33 -10.44
N CYS B 135 28.12 4.92 -11.25
CA CYS B 135 27.66 5.52 -12.47
C CYS B 135 28.41 5.05 -13.72
N LYS B 136 27.79 4.15 -14.49
CA LYS B 136 28.36 3.70 -15.76
C LYS B 136 28.74 4.89 -16.63
N PRO B 137 29.77 4.73 -17.50
CA PRO B 137 30.31 5.80 -18.34
C PRO B 137 29.25 6.53 -19.16
N LEU B 138 29.18 7.83 -18.93
CA LEU B 138 28.18 8.67 -19.56
C LEU B 138 28.45 8.89 -21.06
N LEU B 139 27.80 8.08 -21.90
CA LEU B 139 27.76 8.29 -23.34
C LEU B 139 27.19 9.68 -23.63
N ARG B 140 27.81 10.41 -24.56
CA ARG B 140 27.49 11.82 -24.81
C ARG B 140 27.26 12.13 -26.30
N GLU B 141 27.56 11.16 -27.16
CA GLU B 141 27.29 11.30 -28.60
C GLU B 141 26.77 9.99 -29.19
N GLU B 142 26.20 10.07 -30.40
CA GLU B 142 25.66 8.90 -31.09
C GLU B 142 24.65 8.12 -30.25
N VAL B 143 23.62 8.82 -29.75
CA VAL B 143 22.62 8.19 -28.89
C VAL B 143 21.24 8.89 -28.88
N SER B 144 20.25 8.21 -28.33
CA SER B 144 18.89 8.73 -28.27
C SER B 144 18.16 8.34 -26.97
N PHE B 145 17.40 9.28 -26.43
CA PHE B 145 16.58 8.97 -25.27
C PHE B 145 15.10 9.12 -25.58
N ARG B 146 14.31 8.13 -25.18
CA ARG B 146 12.87 8.18 -25.38
C ARG B 146 12.26 9.03 -24.26
N VAL B 147 11.30 9.88 -24.61
CA VAL B 147 10.53 10.66 -23.64
C VAL B 147 9.09 10.23 -23.85
N GLY B 148 8.61 9.35 -22.98
CA GLY B 148 7.36 8.68 -23.29
C GLY B 148 7.57 7.85 -24.54
N LEU B 149 7.12 8.38 -25.69
CA LEU B 149 7.14 7.61 -26.93
C LEU B 149 8.03 8.19 -28.06
N HIS B 150 8.01 9.50 -28.26
CA HIS B 150 8.84 10.13 -29.29
C HIS B 150 10.30 10.23 -28.82
N GLU B 151 11.24 9.65 -29.57
CA GLU B 151 12.67 9.64 -29.18
C GLU B 151 13.40 10.93 -29.59
N TYR B 152 14.51 11.27 -28.91
CA TYR B 152 15.34 12.45 -29.27
C TYR B 152 16.85 12.14 -29.26
N PRO B 153 17.66 12.94 -29.96
CA PRO B 153 19.11 12.68 -29.92
C PRO B 153 19.77 13.47 -28.78
N VAL B 154 20.99 13.10 -28.42
CA VAL B 154 21.68 13.70 -27.29
C VAL B 154 22.02 15.17 -27.51
N GLY B 155 21.77 15.99 -26.50
CA GLY B 155 21.98 17.43 -26.61
C GLY B 155 20.64 18.12 -26.58
N SER B 156 19.61 17.37 -26.98
CA SER B 156 18.26 17.89 -27.12
C SER B 156 17.64 18.23 -25.77
N GLN B 157 17.13 19.46 -25.65
CA GLN B 157 16.42 19.90 -24.46
C GLN B 157 15.30 18.93 -24.01
N LEU B 158 15.01 18.95 -22.72
CA LEU B 158 13.86 18.25 -22.20
C LEU B 158 12.59 18.93 -22.79
N PRO B 159 11.70 18.11 -23.37
CA PRO B 159 10.61 18.58 -24.22
C PRO B 159 9.53 19.46 -23.58
N CYS B 160 9.66 19.86 -22.32
CA CYS B 160 8.52 20.52 -21.70
C CYS B 160 8.72 21.98 -21.30
N GLU B 161 9.91 22.50 -21.56
CA GLU B 161 10.16 23.91 -21.32
C GLU B 161 10.16 24.67 -22.65
N PHE C 6 -0.74 -10.47 2.94
CA PHE C 6 -1.42 -10.69 1.67
C PHE C 6 -0.87 -11.91 0.95
N VAL C 7 0.43 -12.00 0.84
CA VAL C 7 1.09 -13.12 0.17
C VAL C 7 1.22 -14.32 1.10
N SER C 8 0.87 -14.16 2.36
CA SER C 8 1.07 -15.22 3.37
C SER C 8 -0.09 -16.22 3.51
N CYS C 9 -1.11 -16.08 2.66
CA CYS C 9 -2.41 -16.67 2.85
C CYS C 9 -2.39 -18.08 2.34
N GLN C 10 -3.07 -18.96 3.07
CA GLN C 10 -3.28 -20.31 2.60
C GLN C 10 -4.24 -20.69 1.46
N ARG C 11 -3.67 -21.17 0.37
CA ARG C 11 -4.41 -21.33 -0.88
C ARG C 11 -5.66 -22.14 -0.57
N GLY C 12 -6.82 -21.57 -0.88
CA GLY C 12 -8.08 -22.25 -0.62
C GLY C 12 -8.72 -22.85 -1.86
N TYR C 13 -9.99 -23.20 -1.72
CA TYR C 13 -10.69 -23.95 -2.73
C TYR C 13 -11.94 -23.21 -3.18
N ARG C 14 -11.99 -22.85 -4.46
CA ARG C 14 -13.24 -22.45 -5.09
C ARG C 14 -13.51 -23.52 -6.13
N GLY C 15 -14.56 -24.31 -5.88
CA GLY C 15 -14.99 -25.39 -6.74
C GLY C 15 -16.42 -25.65 -6.34
N VAL C 16 -16.98 -26.80 -6.66
CA VAL C 16 -18.35 -27.07 -6.25
C VAL C 16 -18.44 -27.53 -4.81
N TRP C 17 -19.54 -27.23 -4.15
CA TRP C 17 -19.75 -27.77 -2.82
C TRP C 17 -20.91 -28.76 -2.73
N ARG C 18 -20.80 -29.71 -1.80
CA ARG C 18 -21.89 -30.62 -1.50
C ARG C 18 -22.65 -30.04 -0.32
N GLY C 19 -23.97 -29.92 -0.45
CA GLY C 19 -24.77 -29.41 0.62
C GLY C 19 -24.89 -27.89 0.56
N ASP C 20 -25.72 -27.30 1.41
CA ASP C 20 -25.98 -25.87 1.37
C ASP C 20 -26.05 -25.27 2.79
N GLY C 21 -25.75 -23.98 2.92
CA GLY C 21 -25.66 -23.36 4.24
C GLY C 21 -24.42 -22.50 4.40
N ILE C 22 -24.09 -22.18 5.64
CA ILE C 22 -23.04 -21.20 5.90
C ILE C 22 -21.81 -21.81 6.55
N MET C 23 -20.65 -21.45 6.02
CA MET C 23 -19.41 -22.10 6.34
C MET C 23 -18.43 -21.10 6.90
N HIS C 24 -17.68 -21.48 7.93
CA HIS C 24 -16.72 -20.59 8.56
C HIS C 24 -15.34 -21.23 8.61
N THR C 25 -14.31 -20.42 8.42
CA THR C 25 -12.95 -20.89 8.63
C THR C 25 -12.10 -19.66 8.68
N ARG C 26 -10.81 -19.85 8.98
CA ARG C 26 -9.88 -18.76 9.18
C ARG C 26 -8.66 -19.00 8.31
N CYS C 27 -8.00 -17.93 7.91
CA CYS C 27 -6.77 -18.07 7.11
C CYS C 27 -5.51 -18.09 7.97
N HIS C 28 -4.36 -18.40 7.38
CA HIS C 28 -3.11 -18.35 8.15
C HIS C 28 -2.72 -16.91 8.37
N CYS C 29 -3.21 -16.04 7.49
CA CYS C 29 -3.03 -14.60 7.63
C CYS C 29 -3.85 -14.17 8.82
N GLY C 30 -4.95 -14.88 9.06
CA GLY C 30 -5.83 -14.57 10.17
C GLY C 30 -6.95 -13.58 10.37
N ALA C 31 -7.50 -13.08 9.27
CA ALA C 31 -8.83 -12.70 8.81
C ALA C 31 -9.57 -14.03 8.71
N GLU C 32 -10.76 -14.08 9.30
CA GLU C 32 -11.67 -15.21 9.14
C GLU C 32 -12.37 -15.15 7.79
N ILE C 33 -12.93 -16.28 7.36
CA ILE C 33 -13.63 -16.36 6.08
C ILE C 33 -15.00 -17.00 6.26
N THR C 34 -15.95 -16.61 5.42
CA THR C 34 -17.27 -17.23 5.43
C THR C 34 -17.69 -17.56 4.00
N GLY C 35 -18.27 -18.73 3.81
CA GLY C 35 -18.78 -19.10 2.51
C GLY C 35 -20.27 -19.32 2.61
N HIS C 36 -21.02 -18.84 1.63
CA HIS C 36 -22.44 -19.13 1.63
C HIS C 36 -22.70 -20.05 0.47
N VAL C 37 -23.18 -21.26 0.77
CA VAL C 37 -23.48 -22.24 -0.26
C VAL C 37 -24.97 -22.33 -0.57
N LYS C 38 -25.31 -22.00 -1.82
CA LYS C 38 -26.66 -22.17 -2.38
C LYS C 38 -26.55 -22.74 -3.79
N ASN C 39 -27.33 -23.80 -4.07
CA ASN C 39 -27.20 -24.59 -5.30
C ASN C 39 -25.78 -25.06 -5.64
N GLY C 40 -24.98 -25.37 -4.61
CA GLY C 40 -23.68 -25.95 -4.83
C GLY C 40 -22.54 -24.98 -5.03
N THR C 41 -22.87 -23.70 -5.16
CA THR C 41 -21.86 -22.65 -5.31
C THR C 41 -21.66 -21.92 -4.01
N MET C 42 -20.40 -21.60 -3.70
CA MET C 42 -20.01 -20.90 -2.45
C MET C 42 -19.55 -19.49 -2.71
N ARG C 43 -20.13 -18.53 -1.97
CA ARG C 43 -19.81 -17.10 -2.10
C ARG C 43 -18.88 -16.64 -0.97
N ILE C 44 -17.76 -15.98 -1.28
CA ILE C 44 -16.79 -15.68 -0.23
C ILE C 44 -16.88 -14.29 0.39
N VAL C 45 -17.03 -14.27 1.71
CA VAL C 45 -17.13 -13.05 2.50
C VAL C 45 -15.95 -12.99 3.42
N GLY C 46 -15.17 -11.91 3.31
CA GLY C 46 -13.82 -11.86 3.85
C GLY C 46 -13.35 -10.47 4.24
N PRO C 47 -12.18 -10.41 4.86
CA PRO C 47 -11.57 -9.14 5.27
C PRO C 47 -10.86 -8.68 4.00
N ARG C 48 -10.86 -7.37 3.81
CA ARG C 48 -10.21 -6.72 2.67
C ARG C 48 -8.65 -6.86 2.72
N THR C 49 -8.10 -7.43 3.64
CA THR C 49 -6.81 -8.13 3.75
C THR C 49 -6.41 -9.53 3.28
N CYS C 50 -7.38 -10.45 3.21
CA CYS C 50 -7.13 -11.85 2.86
C CYS C 50 -7.33 -12.18 1.41
N ARG C 51 -6.21 -12.45 0.73
CA ARG C 51 -6.19 -12.90 -0.66
C ARG C 51 -7.26 -13.94 -0.98
N ASN C 52 -7.67 -14.76 -0.02
CA ASN C 52 -8.64 -15.80 -0.32
C ASN C 52 -10.03 -15.26 -0.58
N MET C 53 -10.26 -14.05 -0.09
CA MET C 53 -11.44 -13.23 -0.37
C MET C 53 -11.52 -12.67 -1.78
N TRP C 54 -10.39 -12.26 -2.30
CA TRP C 54 -10.31 -11.64 -3.62
C TRP C 54 -10.07 -12.71 -4.66
N SER C 55 -9.86 -13.84 -4.14
CA SER C 55 -9.62 -14.98 -5.01
C SER C 55 -10.84 -15.87 -5.03
N GLY C 56 -11.82 -15.55 -4.19
CA GLY C 56 -13.06 -16.31 -4.11
C GLY C 56 -12.88 -17.72 -3.60
N THR C 57 -11.70 -17.97 -3.07
CA THR C 57 -11.35 -19.28 -2.60
C THR C 57 -11.71 -19.39 -1.12
N PHE C 58 -11.66 -20.59 -0.57
CA PHE C 58 -11.99 -20.84 0.84
C PHE C 58 -10.88 -21.68 1.46
N PRO C 59 -10.12 -21.12 2.41
CA PRO C 59 -9.03 -21.91 3.00
C PRO C 59 -9.52 -23.00 3.92
N ILE C 60 -9.32 -24.27 3.60
CA ILE C 60 -9.65 -25.34 4.51
C ILE C 60 -8.68 -25.70 5.63
N ASN C 61 -9.08 -25.46 6.87
CA ASN C 61 -8.18 -25.48 8.02
C ASN C 61 -8.79 -26.18 9.23
N ALA C 62 -7.93 -26.59 10.15
CA ALA C 62 -8.42 -27.18 11.39
C ALA C 62 -9.52 -26.34 12.02
N TYR C 63 -9.47 -25.02 11.72
CA TYR C 63 -10.56 -24.08 11.98
C TYR C 63 -11.91 -24.00 11.25
N THR C 64 -12.08 -24.80 10.21
CA THR C 64 -13.31 -24.76 9.41
C THR C 64 -14.50 -25.36 10.16
N THR C 65 -15.67 -24.89 9.82
CA THR C 65 -16.91 -25.33 10.43
C THR C 65 -17.99 -25.18 9.38
N GLY C 66 -19.09 -25.90 9.56
CA GLY C 66 -20.22 -25.77 8.65
C GLY C 66 -20.72 -27.15 8.27
N PRO C 67 -21.73 -27.23 7.41
CA PRO C 67 -22.34 -28.51 7.04
C PRO C 67 -22.02 -29.01 5.62
N CYS C 68 -21.06 -28.41 4.94
CA CYS C 68 -20.87 -28.68 3.50
C CYS C 68 -19.52 -29.28 3.17
N THR C 69 -19.49 -30.03 2.08
CA THR C 69 -18.30 -30.77 1.68
C THR C 69 -17.97 -30.53 0.21
N PRO C 70 -16.71 -30.19 -0.06
CA PRO C 70 -16.20 -29.91 -1.41
C PRO C 70 -16.37 -31.08 -2.39
N LEU C 71 -16.43 -30.79 -3.68
CA LEU C 71 -16.39 -31.81 -4.72
C LEU C 71 -15.58 -31.27 -5.86
N PRO C 72 -14.26 -31.49 -5.83
CA PRO C 72 -13.35 -31.06 -6.89
C PRO C 72 -13.69 -31.74 -8.20
N ALA C 73 -13.34 -31.11 -9.32
CA ALA C 73 -13.50 -31.75 -10.62
C ALA C 73 -12.32 -32.68 -10.81
N PRO C 74 -12.53 -33.79 -11.52
CA PRO C 74 -11.56 -34.87 -11.63
C PRO C 74 -10.37 -34.50 -12.51
N ASN C 75 -10.44 -33.35 -13.17
CA ASN C 75 -9.31 -32.86 -13.99
C ASN C 75 -8.23 -32.14 -13.19
N TYR C 76 -7.71 -32.83 -12.16
CA TYR C 76 -6.58 -32.34 -11.38
C TYR C 76 -5.30 -32.90 -11.98
N LYS C 77 -4.16 -32.51 -11.42
CA LYS C 77 -2.90 -33.03 -11.91
C LYS C 77 -2.33 -33.98 -10.88
N PHE C 78 -1.79 -33.44 -9.79
CA PHE C 78 -1.23 -34.27 -8.74
C PHE C 78 -2.12 -34.21 -7.48
N ALA C 79 -2.21 -35.30 -6.73
CA ALA C 79 -3.08 -35.34 -5.55
C ALA C 79 -2.42 -36.05 -4.37
N LEU C 80 -2.94 -35.80 -3.17
CA LEU C 80 -2.38 -36.40 -1.95
C LEU C 80 -3.35 -37.40 -1.36
N TRP C 81 -2.86 -38.60 -1.03
CA TRP C 81 -3.73 -39.67 -0.60
C TRP C 81 -3.23 -40.27 0.71
N ARG C 82 -4.00 -40.06 1.77
CA ARG C 82 -3.61 -40.55 3.07
C ARG C 82 -4.01 -41.99 3.07
N VAL C 83 -3.00 -42.85 3.05
CA VAL C 83 -3.20 -44.29 3.01
C VAL C 83 -3.05 -44.91 4.40
N SER C 84 -2.30 -44.26 5.27
CA SER C 84 -2.15 -44.71 6.64
C SER C 84 -2.40 -43.50 7.53
N ALA C 85 -2.29 -43.69 8.84
CA ALA C 85 -2.52 -42.59 9.78
C ALA C 85 -1.53 -41.44 9.61
N GLU C 86 -0.30 -41.75 9.21
CA GLU C 86 0.69 -40.70 8.99
C GLU C 86 1.45 -40.87 7.69
N GLU C 87 0.86 -41.56 6.72
CA GLU C 87 1.58 -41.86 5.49
C GLU C 87 0.74 -41.58 4.24
N TYR C 88 1.17 -40.59 3.46
CA TYR C 88 0.51 -40.16 2.22
C TYR C 88 1.22 -40.66 0.95
N VAL C 89 0.57 -40.47 -0.20
CA VAL C 89 1.05 -40.91 -1.50
C VAL C 89 0.61 -39.90 -2.55
N GLU C 90 1.55 -39.39 -3.34
CA GLU C 90 1.20 -38.47 -4.42
C GLU C 90 0.69 -39.29 -5.56
N ILE C 91 -0.20 -38.72 -6.36
CA ILE C 91 -0.77 -39.44 -7.50
C ILE C 91 -0.91 -38.50 -8.67
N ARG C 92 -0.23 -38.81 -9.79
CA ARG C 92 -0.25 -37.92 -10.96
C ARG C 92 -1.26 -38.39 -11.97
N ARG C 93 -2.16 -37.52 -12.34
CA ARG C 93 -3.11 -37.89 -13.38
C ARG C 93 -2.54 -37.58 -14.75
N VAL C 94 -2.71 -38.52 -15.68
CA VAL C 94 -2.17 -38.36 -17.02
C VAL C 94 -3.19 -37.99 -18.11
N GLY C 95 -4.44 -37.72 -17.75
CA GLY C 95 -5.46 -37.56 -18.76
C GLY C 95 -6.09 -38.92 -19.00
N ASP C 96 -5.54 -39.93 -18.35
CA ASP C 96 -5.97 -41.31 -18.59
C ASP C 96 -6.49 -41.96 -17.31
N PHE C 97 -5.53 -42.63 -16.67
CA PHE C 97 -5.68 -43.37 -15.44
C PHE C 97 -4.45 -43.00 -14.64
N HIS C 98 -4.57 -43.15 -13.32
CA HIS C 98 -3.64 -42.61 -12.33
C HIS C 98 -2.29 -43.28 -12.23
N TYR C 99 -1.31 -42.51 -11.77
CA TYR C 99 0.03 -43.01 -11.52
C TYR C 99 0.54 -42.60 -10.15
N VAL C 100 1.11 -43.54 -9.41
CA VAL C 100 1.66 -43.23 -8.08
C VAL C 100 3.03 -42.54 -8.21
N SER C 101 3.03 -41.21 -8.05
CA SER C 101 4.21 -40.37 -8.30
C SER C 101 5.23 -40.35 -7.15
N GLY C 102 4.79 -40.73 -5.96
CA GLY C 102 5.71 -40.74 -4.83
C GLY C 102 5.02 -41.08 -3.53
N MET C 103 5.81 -41.52 -2.55
CA MET C 103 5.25 -41.89 -1.28
C MET C 103 5.58 -40.91 -0.18
N THR C 104 5.53 -41.36 1.05
CA THR C 104 6.22 -40.82 2.20
C THR C 104 7.06 -41.87 2.93
N THR C 105 6.92 -43.13 2.55
CA THR C 105 7.71 -44.23 3.13
C THR C 105 7.76 -45.41 2.17
N ASP C 106 8.91 -46.08 2.10
CA ASP C 106 9.12 -47.21 1.19
C ASP C 106 8.25 -48.44 1.49
N ASN C 107 7.88 -49.16 0.42
CA ASN C 107 7.06 -50.38 0.49
C ASN C 107 5.65 -50.14 1.02
N LEU C 108 5.17 -48.90 0.88
CA LEU C 108 3.89 -48.48 1.44
C LEU C 108 2.74 -49.24 0.80
N LYS C 109 1.82 -49.71 1.64
CA LYS C 109 0.67 -50.49 1.18
C LYS C 109 -0.39 -49.58 0.55
N CYS C 110 -1.11 -50.08 -0.44
CA CYS C 110 -2.00 -49.21 -1.19
C CYS C 110 -3.20 -49.92 -1.83
N PRO C 111 -4.39 -49.32 -1.72
CA PRO C 111 -5.62 -49.74 -2.41
C PRO C 111 -5.48 -49.51 -3.91
N CYS C 112 -5.93 -50.43 -4.75
CA CYS C 112 -5.66 -50.29 -6.19
C CYS C 112 -6.61 -49.33 -6.92
N GLN C 113 -7.75 -49.04 -6.31
CA GLN C 113 -8.71 -48.11 -6.91
C GLN C 113 -8.49 -46.68 -6.41
N ILE C 114 -8.27 -45.74 -7.32
CA ILE C 114 -8.18 -44.33 -6.99
C ILE C 114 -9.61 -43.80 -6.76
N PRO C 115 -9.86 -43.20 -5.57
CA PRO C 115 -11.19 -42.80 -5.08
C PRO C 115 -11.64 -41.46 -5.64
N SER C 116 -12.93 -41.19 -5.55
CA SER C 116 -13.49 -39.90 -6.01
C SER C 116 -12.68 -38.72 -5.45
N PRO C 117 -12.48 -37.66 -6.27
CA PRO C 117 -11.67 -36.50 -5.91
C PRO C 117 -11.75 -35.98 -4.45
N GLU C 118 -12.85 -36.22 -3.74
CA GLU C 118 -13.03 -35.64 -2.41
C GLU C 118 -12.41 -36.45 -1.25
N PHE C 119 -11.84 -37.62 -1.54
CA PHE C 119 -11.16 -38.42 -0.52
C PHE C 119 -9.69 -38.03 -0.41
N PHE C 120 -9.18 -37.30 -1.40
CA PHE C 120 -7.81 -36.82 -1.31
C PHE C 120 -7.68 -35.71 -0.28
N THR C 121 -6.60 -35.75 0.50
CA THR C 121 -6.32 -34.69 1.44
C THR C 121 -5.99 -33.39 0.72
N GLU C 122 -5.21 -33.49 -0.35
CA GLU C 122 -4.80 -32.31 -1.13
C GLU C 122 -5.01 -32.58 -2.60
N LEU C 123 -5.47 -31.56 -3.33
CA LEU C 123 -5.44 -31.56 -4.79
C LEU C 123 -4.66 -30.31 -5.22
N ASP C 124 -3.43 -30.51 -5.66
CA ASP C 124 -2.60 -29.41 -6.15
C ASP C 124 -2.11 -28.34 -5.21
N GLY C 125 -1.63 -28.74 -4.04
CA GLY C 125 -1.30 -27.81 -2.97
C GLY C 125 -2.46 -27.18 -2.21
N VAL C 126 -3.66 -27.72 -2.41
CA VAL C 126 -4.88 -27.16 -1.83
C VAL C 126 -5.56 -28.16 -0.91
N ARG C 127 -5.55 -27.86 0.39
CA ARG C 127 -6.16 -28.75 1.38
C ARG C 127 -7.65 -28.87 1.10
N LEU C 128 -8.20 -30.04 1.40
CA LEU C 128 -9.62 -30.30 1.26
C LEU C 128 -10.22 -30.85 2.55
N HIS C 129 -9.35 -31.25 3.47
CA HIS C 129 -9.73 -31.86 4.72
C HIS C 129 -9.02 -31.18 5.85
N ARG C 130 -9.50 -31.38 7.08
CA ARG C 130 -8.84 -30.80 8.25
C ARG C 130 -8.08 -31.93 8.98
N PHE C 131 -7.21 -31.57 9.92
CA PHE C 131 -6.60 -32.49 10.89
C PHE C 131 -5.61 -33.52 10.31
N ALA C 132 -5.22 -33.32 9.06
CA ALA C 132 -4.41 -34.25 8.32
C ALA C 132 -3.04 -33.99 8.83
N PRO C 133 -2.22 -35.04 8.96
CA PRO C 133 -0.88 -34.88 9.55
C PRO C 133 0.16 -34.26 8.60
N PRO C 134 1.12 -33.54 9.16
CA PRO C 134 2.20 -32.96 8.37
C PRO C 134 2.83 -34.02 7.47
N CYS C 135 2.99 -33.68 6.20
CA CYS C 135 3.68 -34.53 5.24
C CYS C 135 5.17 -34.51 5.54
N LYS C 136 5.83 -35.63 5.26
CA LYS C 136 7.27 -35.73 5.44
C LYS C 136 7.98 -35.85 4.10
N PRO C 137 8.94 -34.97 3.83
CA PRO C 137 9.88 -35.13 2.70
C PRO C 137 9.22 -35.16 1.31
N LEU C 138 9.91 -35.66 0.29
CA LEU C 138 9.26 -35.70 -1.02
C LEU C 138 10.05 -36.58 -1.99
N LEU C 139 9.91 -37.90 -1.81
CA LEU C 139 10.98 -38.89 -2.09
C LEU C 139 11.41 -39.62 -3.39
N ARG C 140 10.58 -39.71 -4.43
CA ARG C 140 10.95 -39.68 -5.84
C ARG C 140 11.54 -40.86 -6.60
N GLU C 141 12.00 -41.92 -5.95
CA GLU C 141 12.88 -42.85 -6.68
C GLU C 141 13.45 -44.06 -5.94
N GLU C 142 13.70 -45.16 -6.65
CA GLU C 142 14.24 -46.36 -5.99
C GLU C 142 13.36 -46.96 -4.88
N VAL C 143 12.08 -46.59 -4.93
CA VAL C 143 11.19 -47.10 -3.89
C VAL C 143 9.98 -47.84 -4.49
N SER C 144 9.37 -48.78 -3.64
CA SER C 144 8.26 -49.60 -4.14
C SER C 144 6.98 -49.44 -3.31
N PHE C 145 5.83 -49.79 -3.89
CA PHE C 145 4.56 -49.78 -3.14
C PHE C 145 3.91 -51.16 -3.21
N ARG C 146 3.09 -51.48 -2.20
CA ARG C 146 2.51 -52.81 -2.09
C ARG C 146 1.00 -52.70 -2.33
N VAL C 147 0.57 -53.02 -3.55
CA VAL C 147 -0.86 -53.17 -3.87
C VAL C 147 -1.26 -54.64 -3.71
N GLY C 148 -2.18 -54.93 -2.81
CA GLY C 148 -2.52 -56.31 -2.51
C GLY C 148 -1.27 -57.00 -2.01
N LEU C 149 -0.92 -58.11 -2.64
CA LEU C 149 0.25 -58.88 -2.23
C LEU C 149 1.45 -58.66 -3.17
N HIS C 150 1.17 -58.33 -4.42
CA HIS C 150 2.22 -57.99 -5.40
C HIS C 150 2.83 -56.63 -5.15
N GLU C 151 4.06 -56.42 -5.63
CA GLU C 151 4.75 -55.15 -5.37
C GLU C 151 5.09 -54.41 -6.67
N TYR C 152 5.13 -53.08 -6.59
CA TYR C 152 5.20 -52.23 -7.79
C TYR C 152 6.19 -51.07 -7.63
N PRO C 153 6.76 -50.60 -8.75
CA PRO C 153 7.85 -49.62 -8.64
C PRO C 153 7.32 -48.20 -8.67
N VAL C 154 8.06 -47.27 -8.13
CA VAL C 154 7.75 -45.85 -8.26
C VAL C 154 7.54 -45.51 -9.75
N GLY C 155 6.34 -45.14 -10.11
CA GLY C 155 6.07 -44.69 -11.46
C GLY C 155 4.98 -45.43 -12.21
N SER C 156 4.48 -46.51 -11.61
CA SER C 156 3.52 -47.42 -12.25
C SER C 156 2.05 -46.95 -12.17
N GLN C 157 1.24 -47.31 -13.16
CA GLN C 157 -0.20 -47.04 -13.12
C GLN C 157 -0.82 -47.67 -11.87
N LEU C 158 -1.95 -47.13 -11.41
CA LEU C 158 -2.71 -47.76 -10.36
C LEU C 158 -3.19 -49.08 -10.97
N PRO C 159 -2.74 -50.22 -10.40
CA PRO C 159 -3.07 -51.57 -10.88
C PRO C 159 -4.48 -51.72 -11.45
N CYS C 160 -5.52 -51.52 -10.64
CA CYS C 160 -6.91 -51.76 -11.07
C CYS C 160 -7.43 -50.91 -12.23
N GLU C 161 -6.57 -50.06 -12.78
CA GLU C 161 -6.94 -49.28 -13.96
C GLU C 161 -6.54 -50.08 -15.20
N PRO C 162 -7.48 -50.25 -16.15
CA PRO C 162 -7.28 -51.01 -17.40
C PRO C 162 -6.33 -50.36 -18.40
N PRO D 5 -19.28 -6.08 -14.57
CA PRO D 5 -17.96 -5.43 -14.49
C PRO D 5 -17.94 -4.34 -13.42
N PHE D 6 -18.73 -3.30 -13.61
CA PHE D 6 -18.79 -2.19 -12.66
C PHE D 6 -20.10 -2.22 -11.87
N VAL D 7 -19.99 -2.39 -10.56
CA VAL D 7 -21.15 -2.43 -9.69
C VAL D 7 -21.69 -1.01 -9.55
N SER D 8 -23.01 -0.90 -9.37
CA SER D 8 -23.62 0.38 -9.03
C SER D 8 -23.58 0.53 -7.52
N CYS D 9 -22.45 1.00 -7.00
CA CYS D 9 -22.24 1.03 -5.58
C CYS D 9 -22.48 2.48 -5.16
N GLN D 10 -23.33 2.60 -4.14
CA GLN D 10 -23.65 3.89 -3.54
C GLN D 10 -22.54 3.96 -2.51
N ARG D 11 -21.80 5.08 -2.56
CA ARG D 11 -20.53 5.18 -1.86
C ARG D 11 -20.67 5.21 -0.35
N GLY D 12 -19.78 4.47 0.31
CA GLY D 12 -19.82 4.34 1.75
C GLY D 12 -18.97 5.38 2.47
N TYR D 13 -19.17 5.44 3.78
CA TYR D 13 -18.39 6.28 4.69
C TYR D 13 -17.14 5.54 5.16
N ARG D 14 -16.00 6.23 5.19
CA ARG D 14 -14.80 5.68 5.88
C ARG D 14 -14.21 6.74 6.75
N GLY D 15 -14.12 6.45 8.05
CA GLY D 15 -13.63 7.44 8.99
C GLY D 15 -13.83 6.98 10.40
N VAL D 16 -13.95 7.96 11.29
CA VAL D 16 -14.14 7.68 12.70
C VAL D 16 -15.57 7.52 13.15
N TRP D 17 -15.83 6.55 14.03
CA TRP D 17 -17.20 6.24 14.45
C TRP D 17 -17.41 6.57 15.93
N ARG D 18 -18.66 6.73 16.35
CA ARG D 18 -18.95 6.96 17.77
C ARG D 18 -19.65 5.79 18.46
N GLY D 19 -18.92 5.17 19.39
CA GLY D 19 -19.40 3.99 20.12
C GLY D 19 -18.95 2.69 19.49
N ASP D 20 -18.11 1.93 20.21
CA ASP D 20 -17.61 0.64 19.73
C ASP D 20 -18.73 -0.39 19.48
N GLY D 21 -18.48 -1.36 18.60
CA GLY D 21 -19.50 -2.35 18.29
C GLY D 21 -19.42 -3.03 16.92
N ILE D 22 -20.49 -3.76 16.58
CA ILE D 22 -20.56 -4.55 15.35
C ILE D 22 -21.77 -4.12 14.52
N MET D 23 -21.51 -3.71 13.28
CA MET D 23 -22.50 -3.03 12.45
C MET D 23 -22.77 -3.83 11.22
N HIS D 24 -24.02 -3.95 10.82
CA HIS D 24 -24.35 -4.67 9.61
C HIS D 24 -25.19 -3.84 8.69
N THR D 25 -24.97 -3.98 7.40
CA THR D 25 -25.79 -3.27 6.42
C THR D 25 -25.76 -4.01 5.09
N ARG D 26 -26.58 -3.53 4.16
CA ARG D 26 -26.68 -4.07 2.81
C ARG D 26 -26.32 -2.99 1.81
N CYS D 27 -25.58 -3.34 0.75
CA CYS D 27 -25.12 -2.31 -0.16
C CYS D 27 -26.17 -2.18 -1.24
N HIS D 28 -26.02 -1.17 -2.07
CA HIS D 28 -26.81 -1.06 -3.26
C HIS D 28 -26.73 -2.23 -4.23
N CYS D 29 -25.64 -2.98 -4.19
CA CYS D 29 -25.52 -4.15 -5.02
C CYS D 29 -25.80 -5.37 -4.16
N GLY D 30 -26.46 -5.13 -3.03
CA GLY D 30 -26.89 -6.22 -2.18
C GLY D 30 -25.75 -7.06 -1.64
N ALA D 31 -24.67 -6.40 -1.28
CA ALA D 31 -23.57 -7.06 -0.61
C ALA D 31 -23.76 -6.88 0.89
N GLU D 32 -24.04 -7.95 1.62
CA GLU D 32 -24.21 -7.78 3.05
C GLU D 32 -22.85 -7.44 3.73
N ILE D 33 -22.47 -6.18 3.68
CA ILE D 33 -21.26 -5.74 4.36
C ILE D 33 -21.43 -5.79 5.87
N THR D 34 -20.36 -6.11 6.59
CA THR D 34 -20.38 -6.01 8.06
C THR D 34 -19.11 -5.34 8.55
N GLY D 35 -19.23 -4.39 9.48
CA GLY D 35 -18.07 -3.71 10.01
C GLY D 35 -17.88 -3.91 11.49
N HIS D 36 -16.63 -3.79 11.95
CA HIS D 36 -16.31 -3.90 13.37
C HIS D 36 -15.55 -2.67 13.89
N VAL D 37 -16.26 -1.83 14.65
CA VAL D 37 -15.68 -0.64 15.27
C VAL D 37 -15.08 -0.84 16.67
N LYS D 38 -13.81 -0.46 16.81
CA LYS D 38 -13.14 -0.48 18.11
C LYS D 38 -12.22 0.74 18.22
N ASN D 39 -12.56 1.62 19.15
CA ASN D 39 -11.82 2.88 19.37
C ASN D 39 -11.97 3.82 18.18
N GLY D 40 -13.13 3.70 17.53
CA GLY D 40 -13.51 4.62 16.48
C GLY D 40 -13.26 4.03 15.13
N THR D 41 -12.36 3.04 15.07
CA THR D 41 -11.97 2.47 13.80
C THR D 41 -12.73 1.21 13.42
N MET D 42 -13.40 1.27 12.29
CA MET D 42 -14.21 0.17 11.78
C MET D 42 -13.44 -0.62 10.77
N ARG D 43 -13.49 -1.94 10.91
CA ARG D 43 -12.83 -2.88 10.01
C ARG D 43 -13.88 -3.67 9.22
N ILE D 44 -13.83 -3.56 7.89
CA ILE D 44 -14.93 -4.03 7.03
C ILE D 44 -14.70 -5.44 6.47
N VAL D 45 -15.80 -6.19 6.34
CA VAL D 45 -15.84 -7.57 5.87
C VAL D 45 -17.08 -7.83 5.04
N GLY D 46 -16.87 -8.17 3.77
CA GLY D 46 -17.96 -8.38 2.83
C GLY D 46 -17.50 -9.22 1.67
N PRO D 47 -18.18 -9.05 0.54
CA PRO D 47 -17.86 -9.73 -0.72
C PRO D 47 -16.91 -8.99 -1.64
N ARG D 48 -16.14 -9.76 -2.43
CA ARG D 48 -15.14 -9.20 -3.32
C ARG D 48 -15.83 -8.56 -4.52
N THR D 49 -17.16 -8.63 -4.52
CA THR D 49 -17.97 -8.05 -5.57
C THR D 49 -18.26 -6.54 -5.49
N CYS D 50 -18.39 -6.06 -4.26
CA CYS D 50 -18.90 -4.72 -4.01
C CYS D 50 -17.73 -3.77 -4.01
N ARG D 51 -17.94 -2.53 -4.41
CA ARG D 51 -16.81 -1.62 -4.53
C ARG D 51 -16.57 -0.79 -3.29
N ASN D 52 -17.51 -0.83 -2.35
CA ASN D 52 -17.19 -0.38 -1.02
C ASN D 52 -16.05 -1.24 -0.53
N MET D 53 -16.09 -2.52 -0.89
CA MET D 53 -15.04 -3.44 -0.49
C MET D 53 -13.69 -3.25 -1.17
N TRP D 54 -13.61 -2.44 -2.21
CA TRP D 54 -12.33 -1.98 -2.72
C TRP D 54 -11.87 -0.73 -1.97
N SER D 55 -12.81 0.10 -1.54
CA SER D 55 -12.45 1.32 -0.82
C SER D 55 -12.30 1.04 0.65
N GLY D 56 -12.85 -0.09 1.12
CA GLY D 56 -13.09 -0.33 2.55
C GLY D 56 -14.07 0.44 3.44
N THR D 57 -15.28 0.70 2.91
CA THR D 57 -16.22 1.75 3.29
C THR D 57 -17.57 1.13 3.68
N PHE D 58 -18.29 1.81 4.55
CA PHE D 58 -19.59 1.34 4.96
C PHE D 58 -20.74 2.09 4.26
N PRO D 59 -21.53 1.40 3.42
CA PRO D 59 -22.75 2.07 2.94
C PRO D 59 -23.76 2.30 4.04
N ILE D 60 -24.24 3.52 4.18
CA ILE D 60 -25.33 3.77 5.09
C ILE D 60 -26.64 3.79 4.31
N ASN D 61 -27.38 2.70 4.41
CA ASN D 61 -28.74 2.59 3.92
C ASN D 61 -29.71 2.70 5.08
N ALA D 62 -30.94 2.21 4.81
CA ALA D 62 -31.92 2.09 5.87
C ALA D 62 -31.81 0.66 6.29
N TYR D 63 -30.70 0.02 5.91
CA TYR D 63 -30.46 -1.37 6.26
C TYR D 63 -29.46 -1.55 7.37
N THR D 64 -28.84 -0.44 7.75
CA THR D 64 -27.76 -0.45 8.72
C THR D 64 -28.28 -0.87 10.09
N THR D 65 -27.37 -1.22 11.02
CA THR D 65 -27.74 -1.81 12.31
C THR D 65 -26.59 -1.68 13.28
N GLY D 66 -26.86 -1.11 14.44
CA GLY D 66 -25.88 -1.14 15.52
C GLY D 66 -25.58 0.17 16.20
N PRO D 67 -24.96 0.06 17.37
CA PRO D 67 -24.66 1.23 18.21
C PRO D 67 -23.36 1.89 17.79
N CYS D 68 -23.36 2.44 16.60
CA CYS D 68 -22.30 3.36 16.15
C CYS D 68 -22.79 4.45 15.22
N THR D 69 -22.21 5.63 15.37
CA THR D 69 -22.53 6.77 14.54
C THR D 69 -21.27 7.40 13.96
N PRO D 70 -21.31 7.73 12.69
CA PRO D 70 -20.18 8.37 12.02
C PRO D 70 -19.82 9.74 12.61
N LEU D 71 -18.52 9.99 12.70
CA LEU D 71 -17.97 11.29 13.08
C LEU D 71 -17.02 11.76 11.99
N PRO D 72 -17.58 12.50 11.04
CA PRO D 72 -16.85 13.02 9.87
C PRO D 72 -15.92 14.18 10.19
N ALA D 73 -14.84 14.28 9.42
CA ALA D 73 -13.96 15.44 9.47
C ALA D 73 -14.71 16.67 8.95
N PRO D 74 -14.27 17.84 9.36
CA PRO D 74 -15.05 19.07 9.16
C PRO D 74 -14.82 19.75 7.81
N ASN D 75 -13.92 19.22 7.00
CA ASN D 75 -13.48 19.93 5.79
C ASN D 75 -14.15 19.51 4.46
N TYR D 76 -15.49 19.50 4.43
CA TYR D 76 -16.23 19.03 3.27
C TYR D 76 -16.35 20.13 2.27
N LYS D 77 -16.82 19.82 1.06
CA LYS D 77 -17.11 20.85 0.06
C LYS D 77 -18.58 21.09 0.12
N PHE D 78 -19.36 20.03 -0.11
CA PHE D 78 -20.79 20.11 -0.27
C PHE D 78 -21.44 19.24 0.76
N ALA D 79 -22.51 19.73 1.37
CA ALA D 79 -23.20 18.92 2.33
C ALA D 79 -24.70 18.92 2.05
N LEU D 80 -25.39 17.90 2.51
CA LEU D 80 -26.82 17.87 2.36
C LEU D 80 -27.43 18.05 3.73
N TRP D 81 -28.17 19.11 3.89
CA TRP D 81 -28.88 19.40 5.12
C TRP D 81 -30.36 19.05 4.97
N ARG D 82 -30.92 18.25 5.87
CA ARG D 82 -32.37 17.97 5.81
C ARG D 82 -33.16 18.96 6.64
N VAL D 83 -33.87 19.86 5.98
CA VAL D 83 -34.75 20.79 6.67
C VAL D 83 -35.92 20.69 7.64
N SER D 84 -37.07 20.26 7.13
CA SER D 84 -38.45 19.92 6.80
C SER D 84 -38.79 18.42 6.92
N ALA D 85 -39.93 18.06 6.34
CA ALA D 85 -40.34 16.67 6.21
C ALA D 85 -39.98 15.96 4.91
N GLU D 86 -39.61 16.76 3.91
CA GLU D 86 -39.19 16.24 2.60
C GLU D 86 -38.18 17.10 1.81
N GLU D 87 -37.60 18.11 2.45
CA GLU D 87 -36.81 19.11 1.74
C GLU D 87 -35.37 19.23 2.23
N TYR D 88 -34.43 19.36 1.28
CA TYR D 88 -33.02 19.46 1.63
C TYR D 88 -32.41 20.73 1.07
N VAL D 89 -31.23 21.06 1.59
CA VAL D 89 -30.47 22.17 1.06
C VAL D 89 -28.99 21.81 1.03
N GLU D 90 -28.44 21.92 -0.16
CA GLU D 90 -27.03 21.73 -0.39
C GLU D 90 -26.27 22.92 0.15
N ILE D 91 -25.36 22.67 1.08
CA ILE D 91 -24.55 23.73 1.64
C ILE D 91 -23.14 23.61 1.08
N ARG D 92 -22.62 24.70 0.53
CA ARG D 92 -21.29 24.68 -0.04
C ARG D 92 -20.36 25.42 0.90
N ARG D 93 -19.25 24.78 1.23
CA ARG D 93 -18.34 25.36 2.20
C ARG D 93 -17.00 25.82 1.70
N VAL D 94 -16.75 27.12 1.81
CA VAL D 94 -15.49 27.73 1.36
C VAL D 94 -14.62 28.14 2.54
N GLY D 95 -13.53 27.41 2.77
CA GLY D 95 -12.68 27.62 3.94
C GLY D 95 -13.47 27.55 5.24
N ASP D 96 -13.64 28.71 5.88
CA ASP D 96 -14.42 28.82 7.11
C ASP D 96 -15.85 29.32 6.88
N PHE D 97 -16.21 29.61 5.64
CA PHE D 97 -17.53 30.20 5.34
C PHE D 97 -18.51 29.26 4.59
N HIS D 98 -19.81 29.44 4.85
CA HIS D 98 -20.85 28.54 4.36
C HIS D 98 -22.12 29.06 3.69
N TYR D 99 -22.36 28.64 2.44
CA TYR D 99 -23.27 29.24 1.44
C TYR D 99 -24.42 28.28 1.15
N VAL D 100 -25.64 28.78 0.96
CA VAL D 100 -26.75 27.88 0.63
C VAL D 100 -26.92 27.76 -0.87
N SER D 101 -26.09 26.94 -1.51
CA SER D 101 -25.98 26.87 -2.97
C SER D 101 -26.92 25.90 -3.67
N GLY D 102 -28.05 25.60 -3.05
CA GLY D 102 -29.01 24.74 -3.70
C GLY D 102 -30.15 24.56 -2.73
N MET D 103 -31.21 23.91 -3.23
CA MET D 103 -32.33 23.53 -2.40
C MET D 103 -33.16 22.61 -3.25
N THR D 104 -34.12 21.97 -2.62
CA THR D 104 -35.02 21.09 -3.33
C THR D 104 -36.31 21.80 -3.68
N THR D 105 -36.48 23.03 -3.23
CA THR D 105 -37.67 23.84 -3.54
C THR D 105 -37.51 25.28 -3.12
N ASP D 106 -38.10 26.22 -3.87
CA ASP D 106 -37.89 27.64 -3.64
C ASP D 106 -38.50 28.12 -2.31
N ASN D 107 -37.92 29.18 -1.75
CA ASN D 107 -38.40 29.81 -0.51
C ASN D 107 -38.53 28.80 0.63
N LEU D 108 -37.48 28.00 0.83
CA LEU D 108 -37.46 27.03 1.92
C LEU D 108 -37.23 27.79 3.23
N LYS D 109 -37.88 27.34 4.30
CA LYS D 109 -37.51 27.79 5.63
C LYS D 109 -36.13 27.19 5.91
N CYS D 110 -35.25 27.94 6.55
CA CYS D 110 -33.86 27.50 6.70
C CYS D 110 -33.08 28.14 7.86
N PRO D 111 -32.75 27.36 8.91
CA PRO D 111 -31.93 27.83 10.04
C PRO D 111 -30.64 28.49 9.57
N CYS D 112 -30.00 29.31 10.40
CA CYS D 112 -28.81 30.04 9.95
C CYS D 112 -27.49 29.69 10.63
N GLN D 113 -27.53 28.86 11.66
CA GLN D 113 -26.29 28.29 12.14
C GLN D 113 -26.07 26.92 11.47
N ILE D 114 -24.92 26.77 10.79
CA ILE D 114 -24.59 25.55 10.03
C ILE D 114 -24.10 24.49 10.99
N PRO D 115 -24.73 23.28 10.95
CA PRO D 115 -24.55 22.31 12.03
C PRO D 115 -23.16 21.66 12.06
N SER D 116 -22.91 20.91 13.12
CA SER D 116 -21.72 20.09 13.19
C SER D 116 -21.79 19.07 12.04
N PRO D 117 -20.61 18.72 11.48
CA PRO D 117 -20.48 17.67 10.48
C PRO D 117 -21.36 16.47 10.76
N GLU D 118 -21.48 16.05 12.01
CA GLU D 118 -22.31 14.90 12.34
C GLU D 118 -23.79 14.97 11.85
N PHE D 119 -24.31 16.19 11.69
CA PHE D 119 -25.76 16.41 11.56
C PHE D 119 -26.31 16.45 10.13
N PHE D 120 -25.39 16.58 9.17
CA PHE D 120 -25.71 16.56 7.75
C PHE D 120 -26.15 15.18 7.30
N THR D 121 -27.16 15.09 6.43
CA THR D 121 -27.63 13.77 5.95
C THR D 121 -26.59 13.15 5.02
N GLU D 122 -25.96 13.98 4.19
CA GLU D 122 -24.97 13.49 3.24
C GLU D 122 -23.82 14.48 3.09
N LEU D 123 -22.59 13.96 3.10
CA LEU D 123 -21.42 14.83 2.97
C LEU D 123 -20.59 14.43 1.75
N ASP D 124 -20.56 15.27 0.73
CA ASP D 124 -19.80 14.96 -0.49
C ASP D 124 -20.10 13.57 -1.07
N GLY D 125 -21.38 13.20 -1.05
CA GLY D 125 -21.82 12.00 -1.71
C GLY D 125 -21.82 10.78 -0.84
N VAL D 126 -21.62 10.98 0.45
CA VAL D 126 -21.75 9.91 1.39
C VAL D 126 -22.82 10.15 2.42
N ARG D 127 -23.86 9.32 2.42
CA ARG D 127 -24.94 9.51 3.38
C ARG D 127 -24.37 9.22 4.73
N LEU D 128 -24.94 9.81 5.79
CA LEU D 128 -24.52 9.46 7.14
C LEU D 128 -25.66 8.85 7.97
N HIS D 129 -26.90 9.18 7.66
CA HIS D 129 -27.99 8.69 8.50
C HIS D 129 -28.95 7.71 7.88
N ARG D 130 -29.17 6.60 8.58
CA ARG D 130 -29.83 5.44 8.03
C ARG D 130 -31.09 5.78 7.24
N PHE D 131 -31.93 6.65 7.79
CA PHE D 131 -33.20 6.97 7.15
C PHE D 131 -33.27 8.38 6.53
N ALA D 132 -33.59 8.47 5.24
CA ALA D 132 -33.73 9.76 4.58
C ALA D 132 -34.69 9.63 3.39
N PRO D 133 -35.47 10.69 3.15
CA PRO D 133 -36.22 10.96 1.92
C PRO D 133 -35.16 10.80 0.85
N PRO D 134 -35.54 10.38 -0.37
CA PRO D 134 -34.86 10.66 -1.63
C PRO D 134 -34.82 12.16 -1.94
N CYS D 135 -33.67 12.61 -2.44
CA CYS D 135 -33.43 14.03 -2.66
C CYS D 135 -34.05 14.30 -4.04
N LYS D 136 -34.83 15.38 -4.10
CA LYS D 136 -35.32 15.98 -5.34
C LYS D 136 -34.11 16.60 -6.06
N PRO D 137 -34.29 16.95 -7.35
CA PRO D 137 -33.33 17.74 -8.14
C PRO D 137 -33.00 19.09 -7.54
N LEU D 138 -31.74 19.51 -7.59
CA LEU D 138 -31.27 20.62 -6.76
C LEU D 138 -31.33 21.84 -7.63
N LEU D 139 -32.25 22.72 -7.29
CA LEU D 139 -32.46 23.96 -8.00
C LEU D 139 -31.34 24.92 -7.60
N ARG D 140 -30.58 25.40 -8.58
CA ARG D 140 -29.35 26.12 -8.26
C ARG D 140 -29.25 27.54 -8.80
N GLU D 141 -30.32 28.03 -9.41
CA GLU D 141 -30.26 29.36 -10.02
C GLU D 141 -31.66 29.94 -10.11
N GLU D 142 -31.75 31.27 -9.95
CA GLU D 142 -33.03 31.98 -9.93
C GLU D 142 -33.97 31.41 -8.87
N VAL D 143 -33.50 31.43 -7.61
CA VAL D 143 -34.24 30.97 -6.43
C VAL D 143 -33.73 31.58 -5.11
N SER D 144 -34.51 31.44 -4.03
CA SER D 144 -34.29 32.12 -2.76
C SER D 144 -34.73 31.27 -1.58
N PHE D 145 -34.13 31.51 -0.43
CA PHE D 145 -34.46 30.78 0.79
C PHE D 145 -34.70 31.73 1.95
N ARG D 146 -35.66 31.41 2.80
CA ARG D 146 -35.96 32.30 3.90
C ARG D 146 -35.28 31.84 5.19
N VAL D 147 -34.43 32.70 5.73
CA VAL D 147 -33.91 32.52 7.07
C VAL D 147 -34.83 33.28 8.03
N GLY D 148 -35.84 32.58 8.54
CA GLY D 148 -36.83 33.18 9.41
C GLY D 148 -37.72 34.17 8.70
N LEU D 149 -37.70 35.41 9.19
CA LEU D 149 -38.55 36.48 8.66
C LEU D 149 -37.93 37.11 7.43
N HIS D 150 -36.60 37.15 7.37
CA HIS D 150 -35.83 37.58 6.19
C HIS D 150 -35.87 36.59 5.03
N GLU D 151 -35.71 37.05 3.77
CA GLU D 151 -35.63 36.22 2.54
C GLU D 151 -34.26 36.53 1.85
N TYR D 152 -33.52 35.57 1.41
CA TYR D 152 -32.18 35.76 0.80
C TYR D 152 -32.04 35.01 -0.55
N PRO D 153 -31.11 35.38 -1.41
CA PRO D 153 -30.89 34.71 -2.70
C PRO D 153 -30.03 33.44 -2.68
N VAL D 154 -30.12 32.56 -3.68
CA VAL D 154 -29.20 31.43 -3.77
C VAL D 154 -27.74 31.78 -4.08
N GLY D 155 -26.86 31.45 -3.14
CA GLY D 155 -25.46 31.79 -3.25
C GLY D 155 -25.03 32.59 -2.04
N SER D 156 -26.01 33.00 -1.23
CA SER D 156 -25.77 33.77 -0.02
C SER D 156 -25.10 32.95 1.06
N GLN D 157 -24.40 33.68 1.98
CA GLN D 157 -23.73 33.04 3.10
C GLN D 157 -25.00 32.84 3.93
N LEU D 158 -24.84 32.07 5.00
CA LEU D 158 -25.68 32.02 6.18
C LEU D 158 -25.82 33.39 6.82
N PRO D 159 -26.94 33.62 7.50
CA PRO D 159 -27.18 34.91 8.16
C PRO D 159 -26.72 35.01 9.61
N CYS D 160 -26.21 33.93 10.18
CA CYS D 160 -25.60 34.02 11.50
C CYS D 160 -24.09 34.15 11.31
N GLU D 161 -23.61 33.64 10.19
CA GLU D 161 -22.18 33.49 9.93
C GLU D 161 -21.52 34.84 9.65
N PRO D 162 -20.51 35.18 10.43
CA PRO D 162 -19.80 36.45 10.27
C PRO D 162 -19.03 36.51 8.95
N GLU D 163 -19.67 37.06 7.92
CA GLU D 163 -19.03 37.16 6.61
C GLU D 163 -18.80 38.63 6.25
N PRO D 164 -17.57 38.95 5.87
CA PRO D 164 -17.20 40.33 5.52
C PRO D 164 -17.11 40.51 4.00
#